data_5QB6
#
_entry.id   5QB6
#
_cell.length_a   45.345
_cell.length_b   73.317
_cell.length_c   52.820
_cell.angle_alpha   90.000
_cell.angle_beta   109.550
_cell.angle_gamma   90.000
#
_symmetry.space_group_name_H-M   'P 1 21 1'
#
loop_
_entity.id
_entity.type
_entity.pdbx_description
1 polymer Endothiapepsin
2 non-polymer GLYCEROL
3 non-polymer 'DIMETHYL SULFOXIDE'
4 non-polymer 'methyl 3-(5-bromo-2,4-dioxo-3,4-dihydropyrimidin-1(2H)-yl)-L-alaninate'
5 water water
#
_entity_poly.entity_id   1
_entity_poly.type   'polypeptide(L)'
_entity_poly.pdbx_seq_one_letter_code
;STGSATTTPIDSLDDAYITPVQIGTPAQTLNLDFDTGSSDLWVFSSETTASEVDGQTIYTPSKSTTAKLLSGATWSISYG
DGSSSSGDVYTDTVSVGGLTVTGQAVESAKKVSSSFTEDSTIDGLLGLAFSTLNTVSPTQQKTFFDNAKASLDSPVFTAD
LGYHAPGTYNFGFIDTTAYTGSITYTAVSTKQGFWEWTSTGYAVGSGTFKSTSIDGIADTGTTLLYLPATVVSAYWAQVS
GAKSSSSVGGYVFPCSATLPSFTFGVGSARIVIPGDYIDFGPISTGSSSCFGGIQSSAGIGINIFGDVALKAAFVVFNGA
TTPTLGFASK
;
_entity_poly.pdbx_strand_id   A
#
loop_
_chem_comp.id
_chem_comp.type
_chem_comp.name
_chem_comp.formula
D5Y non-polymer 'methyl 3-(5-bromo-2,4-dioxo-3,4-dihydropyrimidin-1(2H)-yl)-L-alaninate' 'C8 H10 Br N3 O4'
DMS non-polymer 'DIMETHYL SULFOXIDE' 'C2 H6 O S'
GOL non-polymer GLYCEROL 'C3 H8 O3'
#
# COMPACT_ATOMS: atom_id res chain seq x y z
N SER A 1 -16.05 -18.26 -0.14
CA SER A 1 -16.50 -16.88 -0.32
C SER A 1 -15.47 -16.06 -1.10
N THR A 2 -15.90 -14.92 -1.62
CA THR A 2 -15.01 -13.96 -2.30
C THR A 2 -15.47 -12.53 -2.01
N GLY A 3 -14.60 -11.57 -2.29
CA GLY A 3 -14.99 -10.17 -2.23
C GLY A 3 -14.29 -9.40 -3.34
N SER A 4 -14.87 -8.27 -3.76
CA SER A 4 -14.31 -7.48 -4.85
C SER A 4 -14.70 -6.04 -4.65
N ALA A 5 -13.71 -5.16 -4.52
CA ALA A 5 -13.99 -3.76 -4.28
C ALA A 5 -13.12 -2.85 -5.15
N THR A 6 -13.70 -1.73 -5.56
CA THR A 6 -12.97 -0.77 -6.37
C THR A 6 -12.14 0.15 -5.48
N THR A 7 -10.90 0.39 -5.90
CA THR A 7 -10.04 1.29 -5.16
C THR A 7 -9.74 2.51 -6.06
N THR A 8 -9.76 3.69 -5.45
CA THR A 8 -9.77 4.96 -6.19
C THR A 8 -8.65 5.87 -5.69
N PRO A 9 -7.86 6.44 -6.60
CA PRO A 9 -6.84 7.43 -6.20
CA PRO A 9 -6.83 7.40 -6.17
C PRO A 9 -7.46 8.59 -5.45
N ILE A 10 -6.80 9.08 -4.41
CA ILE A 10 -7.34 10.18 -3.62
C ILE A 10 -7.10 11.54 -4.28
N ASP A 11 -6.18 11.59 -5.23
CA ASP A 11 -5.91 12.84 -5.94
C ASP A 11 -5.32 12.58 -7.31
N SER A 12 -4.96 13.66 -8.00
CA SER A 12 -4.53 13.58 -9.39
C SER A 12 -3.12 12.99 -9.54
N LEU A 13 -2.43 12.78 -8.43
CA LEU A 13 -1.08 12.24 -8.44
C LEU A 13 -1.02 10.77 -8.00
N ASP A 14 -2.17 10.18 -7.69
CA ASP A 14 -2.22 8.83 -7.12
C ASP A 14 -1.38 8.76 -5.83
N ASP A 15 -1.52 9.73 -4.94
CA ASP A 15 -0.70 9.72 -3.71
C ASP A 15 -1.09 8.55 -2.81
N ALA A 16 -2.34 8.12 -2.92
CA ALA A 16 -2.83 6.97 -2.18
C ALA A 16 -4.13 6.54 -2.81
N TYR A 17 -4.62 5.38 -2.39
CA TYR A 17 -5.86 4.81 -2.91
C TYR A 17 -6.82 4.51 -1.76
N ILE A 18 -8.09 4.84 -1.93
CA ILE A 18 -9.09 4.52 -0.92
C ILE A 18 -10.12 3.53 -1.45
N THR A 19 -10.58 2.67 -0.55
CA THR A 19 -11.49 1.58 -0.87
C THR A 19 -12.62 1.62 0.15
N PRO A 20 -13.88 1.57 -0.31
CA PRO A 20 -14.98 1.63 0.66
C PRO A 20 -15.09 0.35 1.49
N VAL A 21 -15.33 0.51 2.79
CA VAL A 21 -15.39 -0.61 3.72
C VAL A 21 -16.62 -0.42 4.61
N GLN A 22 -17.45 -1.46 4.72
CA GLN A 22 -18.63 -1.42 5.59
C GLN A 22 -18.29 -1.92 6.97
N ILE A 23 -18.56 -1.09 7.98
CA ILE A 23 -18.27 -1.47 9.37
C ILE A 23 -19.54 -1.34 10.22
N GLY A 24 -19.85 -2.38 10.99
CA GLY A 24 -20.93 -2.29 11.96
C GLY A 24 -22.32 -2.60 11.42
N THR A 25 -23.30 -2.54 12.31
CA THR A 25 -24.71 -2.81 11.97
C THR A 25 -25.62 -1.73 12.57
N PRO A 26 -26.34 -0.97 11.74
CA PRO A 26 -26.29 -0.94 10.27
C PRO A 26 -24.91 -0.48 9.77
N ALA A 27 -24.62 -0.75 8.51
CA ALA A 27 -23.31 -0.46 7.96
C ALA A 27 -22.97 1.03 8.08
N GLN A 28 -21.73 1.28 8.51
CA GLN A 28 -21.13 2.60 8.37
C GLN A 28 -20.00 2.45 7.37
N THR A 29 -20.10 3.15 6.25
CA THR A 29 -19.13 3.01 5.18
C THR A 29 -18.04 4.05 5.33
N LEU A 30 -16.81 3.57 5.46
CA LEU A 30 -15.61 4.40 5.56
C LEU A 30 -14.68 4.09 4.40
N ASN A 31 -13.94 5.10 3.95
CA ASN A 31 -13.00 4.91 2.86
C ASN A 31 -11.60 4.72 3.42
N LEU A 32 -11.10 3.49 3.32
CA LEU A 32 -9.84 3.14 3.97
C LEU A 32 -8.71 2.94 2.97
N ASP A 33 -7.50 3.19 3.44
CA ASP A 33 -6.27 3.02 2.68
C ASP A 33 -5.78 1.59 2.92
N PHE A 34 -5.96 0.72 1.93
CA PHE A 34 -5.52 -0.68 2.07
C PHE A 34 -4.00 -0.73 2.01
N ASP A 35 -3.36 -1.25 3.06
CA ASP A 35 -1.92 -1.10 3.23
C ASP A 35 -1.26 -2.45 3.46
N THR A 36 -0.63 -3.01 2.43
CA THR A 36 0.02 -4.32 2.59
C THR A 36 1.33 -4.22 3.37
N GLY A 37 1.67 -3.03 3.83
CA GLY A 37 2.85 -2.83 4.63
C GLY A 37 2.62 -2.68 6.13
N SER A 38 1.36 -2.81 6.55
CA SER A 38 1.04 -2.79 7.99
C SER A 38 -0.12 -3.72 8.27
N SER A 39 -0.49 -3.84 9.54
CA SER A 39 -1.38 -4.93 9.94
C SER A 39 -2.41 -4.49 10.95
N ASP A 40 -2.70 -3.19 10.96
CA ASP A 40 -3.74 -2.66 11.81
C ASP A 40 -4.87 -2.12 10.95
N LEU A 41 -6.10 -2.44 11.33
CA LEU A 41 -7.27 -1.80 10.76
C LEU A 41 -7.72 -0.74 11.74
N TRP A 42 -7.46 0.53 11.44
CA TRP A 42 -7.86 1.59 12.35
C TRP A 42 -8.64 2.66 11.63
N VAL A 43 -9.53 3.31 12.38
CA VAL A 43 -10.46 4.29 11.80
C VAL A 43 -10.56 5.56 12.62
N PHE A 44 -10.78 6.67 11.92
CA PHE A 44 -11.31 7.88 12.55
C PHE A 44 -12.63 7.49 13.21
N SER A 45 -12.91 8.05 14.39
CA SER A 45 -14.09 7.63 15.12
C SER A 45 -14.68 8.74 15.96
N SER A 46 -15.80 8.43 16.61
CA SER A 46 -16.42 9.34 17.54
C SER A 46 -15.52 9.62 18.75
N GLU A 47 -14.47 8.81 18.89
CA GLU A 47 -13.53 8.93 20.00
C GLU A 47 -12.31 9.78 19.65
N THR A 48 -12.14 10.09 18.37
CA THR A 48 -10.98 10.86 17.94
C THR A 48 -11.05 12.29 18.45
N THR A 49 -9.93 12.79 18.99
CA THR A 49 -9.83 14.16 19.44
C THR A 49 -10.41 15.10 18.38
N ALA A 50 -11.39 15.91 18.79
CA ALA A 50 -12.19 16.69 17.85
C ALA A 50 -11.35 17.60 16.97
N SER A 51 -10.34 18.24 17.55
CA SER A 51 -9.46 19.12 16.81
C SER A 51 -8.62 18.40 15.76
N GLU A 52 -8.58 17.07 15.83
CA GLU A 52 -7.75 16.27 14.93
C GLU A 52 -8.57 15.64 13.81
N VAL A 53 -9.86 15.95 13.77
CA VAL A 53 -10.73 15.50 12.70
C VAL A 53 -11.08 16.67 11.79
N ASP A 54 -10.86 16.51 10.49
CA ASP A 54 -11.09 17.59 9.53
C ASP A 54 -11.65 17.06 8.21
N GLY A 55 -12.92 16.69 8.23
CA GLY A 55 -13.60 16.26 7.02
C GLY A 55 -13.77 14.76 6.87
N GLN A 56 -13.07 13.98 7.69
CA GLN A 56 -13.14 12.52 7.57
C GLN A 56 -14.51 11.99 8.00
N THR A 57 -14.88 10.84 7.46
CA THR A 57 -16.04 10.12 7.95
C THR A 57 -15.60 9.28 9.16
N ILE A 58 -16.37 9.33 10.23
CA ILE A 58 -15.98 8.66 11.46
C ILE A 58 -16.85 7.43 11.72
N TYR A 59 -16.26 6.45 12.40
CA TYR A 59 -16.96 5.28 12.89
C TYR A 59 -17.50 5.58 14.28
N THR A 60 -18.80 5.36 14.49
CA THR A 60 -19.40 5.57 15.79
C THR A 60 -19.87 4.22 16.34
N PRO A 61 -19.03 3.57 17.18
CA PRO A 61 -19.39 2.23 17.65
C PRO A 61 -20.70 2.20 18.44
N SER A 62 -21.04 3.27 19.15
CA SER A 62 -22.27 3.28 19.95
C SER A 62 -23.52 3.14 19.07
N LYS A 63 -23.37 3.41 17.78
CA LYS A 63 -24.48 3.30 16.80
C LYS A 63 -24.50 1.95 16.10
N SER A 64 -23.55 1.08 16.44
CA SER A 64 -23.49 -0.25 15.85
C SER A 64 -23.93 -1.31 16.84
N THR A 65 -24.96 -2.07 16.48
CA THR A 65 -25.52 -3.06 17.42
C THR A 65 -24.61 -4.27 17.58
N THR A 66 -23.64 -4.42 16.68
CA THR A 66 -22.70 -5.54 16.71
C THR A 66 -21.31 -5.14 17.27
N ALA A 67 -21.12 -3.86 17.58
CA ALA A 67 -19.86 -3.41 18.16
C ALA A 67 -19.71 -3.86 19.63
N LYS A 68 -18.54 -4.37 19.98
CA LYS A 68 -18.23 -4.72 21.36
C LYS A 68 -16.87 -4.15 21.73
N LEU A 69 -16.78 -3.41 22.83
CA LEU A 69 -15.48 -2.95 23.29
C LEU A 69 -14.60 -4.15 23.63
N LEU A 70 -13.38 -4.15 23.08
CA LEU A 70 -12.41 -5.18 23.44
C LEU A 70 -11.70 -4.71 24.70
N SER A 71 -12.14 -5.23 25.84
CA SER A 71 -11.76 -4.69 27.13
C SER A 71 -10.26 -4.71 27.37
N GLY A 72 -9.72 -3.53 27.70
CA GLY A 72 -8.32 -3.40 28.05
C GLY A 72 -7.37 -3.28 26.88
N ALA A 73 -7.89 -3.36 25.66
CA ALA A 73 -7.02 -3.37 24.49
C ALA A 73 -6.73 -1.95 24.03
N THR A 74 -5.47 -1.68 23.75
CA THR A 74 -5.05 -0.41 23.16
C THR A 74 -4.14 -0.67 21.97
N TRP A 75 -3.93 0.36 21.16
CA TRP A 75 -3.04 0.24 20.00
C TRP A 75 -2.31 1.55 19.78
N SER A 76 -1.18 1.48 19.10
CA SER A 76 -0.38 2.65 18.83
C SER A 76 0.57 2.31 17.71
N ILE A 77 0.57 3.10 16.65
CA ILE A 77 1.38 2.76 15.50
C ILE A 77 2.06 3.99 14.95
N SER A 78 3.26 3.80 14.42
CA SER A 78 3.95 4.86 13.72
C SER A 78 4.45 4.31 12.40
N TYR A 79 4.28 5.09 11.34
CA TYR A 79 4.57 4.62 10.00
C TYR A 79 5.90 5.16 9.48
N GLY A 80 6.29 4.68 8.30
CA GLY A 80 7.58 5.00 7.72
C GLY A 80 7.79 6.46 7.40
N ASP A 81 6.70 7.19 7.15
CA ASP A 81 6.81 8.62 6.83
C ASP A 81 6.77 9.50 8.08
N GLY A 82 6.69 8.87 9.25
CA GLY A 82 6.71 9.61 10.50
C GLY A 82 5.35 9.88 11.09
N SER A 83 4.28 9.51 10.38
CA SER A 83 2.93 9.71 10.88
C SER A 83 2.57 8.64 11.91
N SER A 84 1.49 8.88 12.65
CA SER A 84 1.11 7.99 13.74
C SER A 84 -0.34 8.13 14.16
N SER A 85 -0.80 7.13 14.90
CA SER A 85 -2.15 7.14 15.46
C SER A 85 -2.23 6.15 16.60
N SER A 86 -3.27 6.26 17.42
CA SER A 86 -3.42 5.39 18.58
C SER A 86 -4.83 5.48 19.14
N GLY A 87 -5.23 4.47 19.91
CA GLY A 87 -6.52 4.49 20.57
C GLY A 87 -6.88 3.19 21.24
N ASP A 88 -8.17 2.87 21.24
CA ASP A 88 -8.66 1.62 21.81
C ASP A 88 -9.29 0.77 20.71
N VAL A 89 -9.93 -0.33 21.11
CA VAL A 89 -10.30 -1.35 20.14
C VAL A 89 -11.71 -1.87 20.36
N TYR A 90 -12.44 -2.00 19.26
CA TYR A 90 -13.73 -2.68 19.27
C TYR A 90 -13.62 -3.92 18.40
N THR A 91 -14.50 -4.89 18.60
CA THR A 91 -14.71 -5.86 17.54
C THR A 91 -16.05 -5.55 16.89
N ASP A 92 -16.14 -5.75 15.58
CA ASP A 92 -17.39 -5.50 14.87
C ASP A 92 -17.38 -6.27 13.55
N THR A 93 -18.50 -6.23 12.85
CA THR A 93 -18.61 -6.82 11.54
C THR A 93 -18.04 -5.90 10.49
N VAL A 94 -17.14 -6.42 9.66
CA VAL A 94 -16.49 -5.66 8.62
C VAL A 94 -16.66 -6.36 7.29
N SER A 95 -17.13 -5.62 6.28
CA SER A 95 -17.31 -6.19 4.95
C SER A 95 -16.55 -5.38 3.91
N VAL A 96 -15.89 -6.09 3.00
CA VAL A 96 -15.21 -5.48 1.87
C VAL A 96 -15.70 -6.11 0.57
N GLY A 97 -16.39 -5.33 -0.24
CA GLY A 97 -16.83 -5.80 -1.54
C GLY A 97 -17.62 -7.09 -1.49
N GLY A 98 -18.45 -7.24 -0.47
CA GLY A 98 -19.32 -8.40 -0.35
C GLY A 98 -18.78 -9.53 0.53
N LEU A 99 -17.53 -9.41 0.94
CA LEU A 99 -16.90 -10.39 1.80
C LEU A 99 -16.99 -9.93 3.25
N THR A 100 -17.59 -10.74 4.11
CA THR A 100 -17.89 -10.32 5.48
C THR A 100 -17.08 -11.09 6.53
N VAL A 101 -16.49 -10.35 7.47
CA VAL A 101 -15.83 -10.93 8.63
C VAL A 101 -16.52 -10.46 9.89
N THR A 102 -16.97 -11.41 10.73
CA THR A 102 -17.52 -11.05 12.03
C THR A 102 -16.41 -11.07 13.06
N GLY A 103 -16.51 -10.20 14.06
CA GLY A 103 -15.53 -10.15 15.12
C GLY A 103 -14.18 -9.59 14.72
N GLN A 104 -14.15 -8.79 13.67
CA GLN A 104 -12.92 -8.13 13.27
C GLN A 104 -12.52 -7.06 14.28
N ALA A 105 -11.24 -7.01 14.64
CA ALA A 105 -10.74 -5.93 15.48
C ALA A 105 -10.74 -4.62 14.68
N VAL A 106 -11.52 -3.66 15.16
CA VAL A 106 -11.59 -2.34 14.56
C VAL A 106 -10.97 -1.38 15.56
N GLU A 107 -9.80 -0.86 15.21
CA GLU A 107 -9.05 -0.02 16.14
C GLU A 107 -9.49 1.43 16.02
N SER A 108 -10.04 1.95 17.10
CA SER A 108 -10.65 3.27 17.10
C SER A 108 -9.63 4.33 17.52
N ALA A 109 -9.36 5.30 16.65
CA ALA A 109 -8.37 6.33 16.96
C ALA A 109 -8.85 7.31 18.01
N LYS A 110 -8.04 7.52 19.04
CA LYS A 110 -8.23 8.62 19.97
C LYS A 110 -7.34 9.78 19.53
N LYS A 111 -6.18 9.44 18.96
CA LYS A 111 -5.22 10.42 18.48
C LYS A 111 -4.74 10.08 17.09
N VAL A 112 -4.59 11.08 16.23
CA VAL A 112 -3.93 10.90 14.94
C VAL A 112 -2.95 12.05 14.71
N SER A 113 -1.89 11.79 13.96
CA SER A 113 -0.92 12.84 13.69
C SER A 113 -1.45 13.79 12.62
N SER A 114 -0.78 14.93 12.48
CA SER A 114 -1.28 16.01 11.64
C SER A 114 -1.52 15.60 10.20
N SER A 115 -0.66 14.73 9.66
CA SER A 115 -0.79 14.33 8.27
C SER A 115 -2.09 13.58 8.00
N PHE A 116 -2.59 12.85 9.00
CA PHE A 116 -3.87 12.17 8.83
C PHE A 116 -5.01 13.17 8.91
N THR A 117 -4.93 14.09 9.86
CA THR A 117 -5.91 15.16 9.98
C THR A 117 -6.05 15.94 8.69
N GLU A 118 -4.91 16.27 8.08
CA GLU A 118 -4.87 17.14 6.92
C GLU A 118 -5.32 16.44 5.65
N ASP A 119 -5.53 15.14 5.74
CA ASP A 119 -6.00 14.38 4.59
C ASP A 119 -7.44 13.96 4.78
N SER A 120 -8.36 14.78 4.28
CA SER A 120 -9.79 14.57 4.50
C SER A 120 -10.33 13.33 3.80
N THR A 121 -9.59 12.82 2.81
CA THR A 121 -10.12 11.72 1.99
C THR A 121 -9.88 10.32 2.56
N ILE A 122 -9.02 10.21 3.57
CA ILE A 122 -8.69 8.90 4.12
C ILE A 122 -9.25 8.77 5.53
N ASP A 123 -10.16 7.81 5.69
CA ASP A 123 -10.88 7.62 6.95
C ASP A 123 -10.22 6.62 7.89
N GLY A 124 -9.11 6.04 7.45
CA GLY A 124 -8.39 5.08 8.23
C GLY A 124 -7.59 4.16 7.33
N LEU A 125 -6.93 3.19 7.94
CA LEU A 125 -6.14 2.23 7.19
C LEU A 125 -6.66 0.81 7.42
N LEU A 126 -6.52 -0.05 6.40
CA LEU A 126 -6.81 -1.46 6.55
C LEU A 126 -5.54 -2.25 6.22
N GLY A 127 -4.89 -2.77 7.26
CA GLY A 127 -3.61 -3.43 7.08
C GLY A 127 -3.74 -4.83 6.51
N LEU A 128 -2.83 -5.17 5.60
CA LEU A 128 -2.85 -6.45 4.91
C LEU A 128 -1.48 -7.13 4.91
N ALA A 129 -0.57 -6.66 5.76
CA ALA A 129 0.67 -7.39 6.03
C ALA A 129 0.35 -8.54 6.98
N PHE A 130 1.37 -9.20 7.50
CA PHE A 130 1.12 -10.36 8.35
C PHE A 130 0.77 -9.95 9.77
N SER A 131 -0.09 -10.74 10.42
CA SER A 131 -0.70 -10.33 11.67
C SER A 131 0.33 -10.17 12.80
N THR A 132 1.52 -10.73 12.62
CA THR A 132 2.60 -10.57 13.59
C THR A 132 3.00 -9.10 13.81
N LEU A 133 2.66 -8.22 12.87
CA LEU A 133 2.97 -6.80 13.03
C LEU A 133 1.86 -5.99 13.72
N ASN A 134 0.73 -6.62 14.00
CA ASN A 134 -0.40 -5.89 14.58
C ASN A 134 -0.05 -5.33 15.95
N THR A 135 -0.40 -4.07 16.19
CA THR A 135 0.09 -3.38 17.40
C THR A 135 -0.84 -3.45 18.60
N VAL A 136 -1.97 -4.15 18.50
CA VAL A 136 -2.90 -4.20 19.63
C VAL A 136 -2.27 -4.91 20.83
N SER A 137 -2.38 -4.27 21.99
CA SER A 137 -1.84 -4.80 23.24
C SER A 137 -2.95 -4.85 24.29
N PRO A 138 -2.95 -5.87 25.16
CA PRO A 138 -1.96 -6.93 25.36
C PRO A 138 -2.21 -8.19 24.51
N THR A 139 -3.29 -8.19 23.75
CA THR A 139 -3.61 -9.33 22.91
C THR A 139 -3.60 -8.93 21.45
N GLN A 140 -2.58 -9.37 20.72
CA GLN A 140 -2.43 -9.05 19.31
C GLN A 140 -3.63 -9.55 18.52
N GLN A 141 -4.08 -8.75 17.56
CA GLN A 141 -5.25 -9.08 16.76
C GLN A 141 -4.90 -9.43 15.32
N LYS A 142 -5.80 -10.14 14.65
CA LYS A 142 -5.59 -10.58 13.27
C LYS A 142 -6.06 -9.56 12.25
N THR A 143 -5.42 -9.53 11.10
CA THR A 143 -5.88 -8.69 9.98
C THR A 143 -7.19 -9.21 9.39
N PHE A 144 -7.85 -8.34 8.63
CA PHE A 144 -9.07 -8.71 7.91
C PHE A 144 -8.83 -9.93 7.01
N PHE A 145 -7.70 -9.95 6.32
CA PHE A 145 -7.38 -11.06 5.43
C PHE A 145 -7.16 -12.36 6.21
N ASP A 146 -6.41 -12.29 7.31
N ASP A 146 -6.42 -12.25 7.31
CA ASP A 146 -6.17 -13.50 8.10
CA ASP A 146 -6.15 -13.40 8.17
C ASP A 146 -7.49 -14.04 8.65
C ASP A 146 -7.45 -14.02 8.67
N ASN A 147 -8.38 -13.16 9.08
CA ASN A 147 -9.68 -13.58 9.58
C ASN A 147 -10.55 -14.22 8.50
N ALA A 148 -10.47 -13.68 7.28
CA ALA A 148 -11.30 -14.15 6.18
C ALA A 148 -10.77 -15.40 5.49
N LYS A 149 -9.48 -15.64 5.65
CA LYS A 149 -8.75 -16.61 4.83
C LYS A 149 -9.37 -18.00 4.72
N ALA A 150 -9.78 -18.55 5.86
CA ALA A 150 -10.31 -19.90 5.90
C ALA A 150 -11.61 -20.01 5.10
N SER A 151 -12.34 -18.90 5.01
CA SER A 151 -13.64 -18.89 4.34
CA SER A 151 -13.64 -18.90 4.34
C SER A 151 -13.51 -18.63 2.84
N LEU A 152 -12.39 -18.05 2.44
CA LEU A 152 -12.18 -17.71 1.03
C LEU A 152 -12.07 -18.94 0.13
N ASP A 153 -12.52 -18.80 -1.13
CA ASP A 153 -12.39 -19.88 -2.10
C ASP A 153 -10.94 -20.31 -2.24
N SER A 154 -10.07 -19.30 -2.25
CA SER A 154 -8.63 -19.50 -2.27
CA SER A 154 -8.63 -19.50 -2.26
C SER A 154 -8.01 -18.47 -1.31
N PRO A 155 -6.96 -18.87 -0.57
CA PRO A 155 -6.40 -17.97 0.44
C PRO A 155 -5.50 -16.88 -0.15
N VAL A 156 -6.10 -16.03 -0.98
CA VAL A 156 -5.36 -15.00 -1.70
C VAL A 156 -6.13 -13.69 -1.73
N PHE A 157 -5.41 -12.60 -1.92
CA PHE A 157 -6.05 -11.38 -2.39
C PHE A 157 -5.17 -10.77 -3.48
N THR A 158 -5.77 -9.92 -4.31
CA THR A 158 -5.02 -9.34 -5.41
C THR A 158 -5.18 -7.83 -5.44
N ALA A 159 -4.11 -7.16 -5.86
CA ALA A 159 -4.08 -5.71 -5.98
C ALA A 159 -3.90 -5.31 -7.43
N ASP A 160 -4.82 -4.50 -7.91
CA ASP A 160 -4.83 -4.07 -9.30
C ASP A 160 -5.03 -2.57 -9.30
N LEU A 161 -3.95 -1.85 -8.96
CA LEU A 161 -4.04 -0.40 -8.82
C LEU A 161 -3.98 0.28 -10.19
N GLY A 162 -4.78 1.33 -10.35
CA GLY A 162 -4.80 2.06 -11.61
C GLY A 162 -3.85 3.25 -11.65
N TYR A 163 -3.42 3.61 -12.85
CA TYR A 163 -2.65 4.83 -13.04
C TYR A 163 -3.64 5.94 -13.40
N HIS A 164 -3.79 6.91 -12.51
CA HIS A 164 -4.72 8.00 -12.71
C HIS A 164 -6.13 7.47 -12.97
N ALA A 165 -6.47 6.34 -12.37
CA ALA A 165 -7.72 5.65 -12.66
C ALA A 165 -8.07 4.67 -11.56
N PRO A 166 -9.35 4.32 -11.44
CA PRO A 166 -9.72 3.33 -10.43
C PRO A 166 -9.14 1.95 -10.72
N GLY A 167 -9.08 1.13 -9.68
CA GLY A 167 -8.61 -0.24 -9.78
C GLY A 167 -9.42 -1.12 -8.87
N THR A 168 -8.86 -2.27 -8.51
CA THR A 168 -9.61 -3.32 -7.81
C THR A 168 -8.78 -4.06 -6.79
N TYR A 169 -9.37 -4.31 -5.63
CA TYR A 169 -8.88 -5.32 -4.69
C TYR A 169 -9.84 -6.49 -4.71
N ASN A 170 -9.34 -7.68 -5.03
CA ASN A 170 -10.15 -8.90 -4.96
C ASN A 170 -9.67 -9.79 -3.84
N PHE A 171 -10.61 -10.50 -3.21
CA PHE A 171 -10.28 -11.44 -2.15
C PHE A 171 -10.82 -12.81 -2.51
N GLY A 172 -9.96 -13.82 -2.45
CA GLY A 172 -10.43 -15.18 -2.59
C GLY A 172 -10.41 -15.77 -3.99
N PHE A 173 -10.05 -14.95 -4.98
CA PHE A 173 -9.99 -15.44 -6.36
C PHE A 173 -9.06 -14.60 -7.22
N ILE A 174 -8.61 -15.21 -8.29
CA ILE A 174 -7.75 -14.54 -9.27
C ILE A 174 -8.56 -14.32 -10.55
N ASP A 175 -8.76 -13.05 -10.90
CA ASP A 175 -9.48 -12.67 -12.11
C ASP A 175 -8.56 -12.77 -13.31
N THR A 176 -8.71 -13.85 -14.07
CA THR A 176 -7.81 -14.11 -15.18
C THR A 176 -8.04 -13.19 -16.36
N THR A 177 -9.05 -12.32 -16.28
CA THR A 177 -9.28 -11.33 -17.34
C THR A 177 -8.58 -10.01 -17.03
N ALA A 178 -7.95 -9.91 -15.86
CA ALA A 178 -7.42 -8.63 -15.38
C ALA A 178 -5.93 -8.42 -15.71
N TYR A 179 -5.30 -9.37 -16.36
CA TYR A 179 -3.88 -9.24 -16.66
C TYR A 179 -3.57 -9.88 -17.99
N THR A 180 -2.40 -9.58 -18.53
CA THR A 180 -1.96 -10.20 -19.77
C THR A 180 -0.85 -11.19 -19.47
N GLY A 181 -0.64 -12.13 -20.39
CA GLY A 181 0.39 -13.14 -20.24
C GLY A 181 0.17 -13.99 -19.01
N SER A 182 1.26 -14.41 -18.37
CA SER A 182 1.17 -15.24 -17.19
CA SER A 182 1.20 -15.26 -17.19
C SER A 182 1.57 -14.51 -15.91
N ILE A 183 1.17 -15.08 -14.78
CA ILE A 183 1.58 -14.57 -13.49
C ILE A 183 2.86 -15.29 -13.08
N THR A 184 3.90 -14.53 -12.75
CA THR A 184 5.13 -15.12 -12.25
C THR A 184 5.17 -15.02 -10.74
N TYR A 185 5.28 -16.16 -10.09
CA TYR A 185 5.31 -16.20 -8.64
C TYR A 185 6.74 -16.22 -8.11
N THR A 186 6.93 -15.64 -6.95
CA THR A 186 8.25 -15.50 -6.37
C THR A 186 8.16 -15.68 -4.85
N ALA A 187 9.23 -16.17 -4.24
CA ALA A 187 9.23 -16.49 -2.83
C ALA A 187 9.06 -15.28 -1.92
N VAL A 188 8.42 -15.50 -0.79
CA VAL A 188 8.20 -14.47 0.20
C VAL A 188 8.84 -14.88 1.53
N SER A 189 9.52 -13.93 2.17
CA SER A 189 9.92 -14.07 3.55
C SER A 189 8.99 -13.30 4.47
N THR A 190 8.47 -13.96 5.51
CA THR A 190 7.59 -13.30 6.47
C THR A 190 8.33 -12.94 7.75
N LYS A 191 9.66 -13.07 7.73
CA LYS A 191 10.49 -12.89 8.91
C LYS A 191 10.38 -11.49 9.53
N GLN A 192 10.10 -10.48 8.71
CA GLN A 192 9.91 -9.12 9.23
C GLN A 192 8.44 -8.72 9.24
N GLY A 193 7.55 -9.67 8.93
CA GLY A 193 6.13 -9.43 8.96
C GLY A 193 5.58 -8.81 7.69
N PHE A 194 6.45 -8.61 6.70
CA PHE A 194 6.05 -7.99 5.44
C PHE A 194 5.91 -9.00 4.31
N TRP A 195 5.33 -8.55 3.21
CA TRP A 195 5.36 -9.30 1.96
C TRP A 195 6.71 -9.02 1.31
N GLU A 196 7.74 -9.67 1.85
CA GLU A 196 9.11 -9.39 1.45
C GLU A 196 9.58 -10.38 0.40
N TRP A 197 10.17 -9.88 -0.68
CA TRP A 197 10.60 -10.72 -1.79
C TRP A 197 11.89 -10.17 -2.39
N THR A 198 12.44 -10.88 -3.37
CA THR A 198 13.69 -10.45 -3.98
C THR A 198 13.54 -10.29 -5.49
N SER A 199 13.60 -9.05 -5.95
CA SER A 199 13.60 -8.76 -7.37
C SER A 199 14.91 -9.22 -7.99
N THR A 200 14.84 -9.63 -9.25
CA THR A 200 16.01 -10.18 -9.92
C THR A 200 16.81 -9.14 -10.68
N GLY A 201 16.36 -7.88 -10.68
CA GLY A 201 17.15 -6.82 -11.27
C GLY A 201 16.34 -5.70 -11.90
N TYR A 202 16.99 -4.89 -12.74
CA TYR A 202 16.31 -3.74 -13.29
C TYR A 202 16.89 -3.28 -14.62
N ALA A 203 16.11 -2.44 -15.31
CA ALA A 203 16.61 -1.75 -16.49
C ALA A 203 16.07 -0.33 -16.47
N VAL A 204 16.83 0.59 -17.07
CA VAL A 204 16.38 1.97 -17.21
C VAL A 204 16.10 2.24 -18.69
N GLY A 205 14.86 2.63 -18.98
CA GLY A 205 14.45 2.89 -20.35
C GLY A 205 14.72 1.68 -21.22
N SER A 206 15.34 1.90 -22.38
CA SER A 206 15.64 0.81 -23.30
C SER A 206 17.01 0.19 -23.01
N GLY A 207 17.58 0.51 -21.85
CA GLY A 207 18.89 0.04 -21.48
C GLY A 207 18.94 -1.45 -21.19
N THR A 208 20.14 -2.00 -21.09
CA THR A 208 20.29 -3.42 -20.83
C THR A 208 19.87 -3.75 -19.40
N PHE A 209 19.34 -4.95 -19.23
CA PHE A 209 18.88 -5.39 -17.92
C PHE A 209 20.05 -5.76 -17.04
N LYS A 210 20.08 -5.19 -15.85
CA LYS A 210 21.11 -5.50 -14.85
C LYS A 210 20.59 -6.58 -13.91
N SER A 211 21.19 -7.76 -13.95
CA SER A 211 20.85 -8.82 -13.02
C SER A 211 21.49 -8.57 -11.66
N THR A 212 20.64 -8.37 -10.65
CA THR A 212 21.11 -8.10 -9.31
C THR A 212 19.95 -8.30 -8.35
N SER A 213 20.21 -8.94 -7.22
CA SER A 213 19.15 -9.21 -6.25
C SER A 213 18.80 -7.97 -5.46
N ILE A 214 17.52 -7.60 -5.46
CA ILE A 214 17.05 -6.46 -4.69
C ILE A 214 15.94 -6.90 -3.76
N ASP A 215 16.26 -7.02 -2.49
CA ASP A 215 15.30 -7.40 -1.45
CA ASP A 215 15.30 -7.41 -1.49
C ASP A 215 14.40 -6.23 -1.12
N GLY A 216 13.09 -6.44 -1.14
CA GLY A 216 12.20 -5.35 -0.79
C GLY A 216 10.81 -5.83 -0.47
N ILE A 217 9.92 -4.91 -0.11
CA ILE A 217 8.57 -5.30 0.24
C ILE A 217 7.52 -4.75 -0.73
N ALA A 218 6.48 -5.54 -0.95
CA ALA A 218 5.35 -5.09 -1.76
C ALA A 218 4.41 -4.34 -0.84
N ASP A 219 4.32 -3.02 -1.03
CA ASP A 219 3.65 -2.16 -0.05
C ASP A 219 2.65 -1.19 -0.70
N THR A 220 1.38 -1.56 -0.68
CA THR A 220 0.36 -0.73 -1.32
C THR A 220 0.16 0.60 -0.60
N GLY A 221 0.60 0.68 0.66
CA GLY A 221 0.44 1.87 1.47
C GLY A 221 1.50 2.95 1.28
N THR A 222 2.51 2.65 0.48
CA THR A 222 3.58 3.59 0.18
C THR A 222 3.44 4.08 -1.25
N THR A 223 3.49 5.40 -1.45
CA THR A 223 3.27 5.99 -2.77
C THR A 223 4.36 5.64 -3.77
N LEU A 224 5.61 5.78 -3.34
CA LEU A 224 6.72 5.78 -4.27
C LEU A 224 7.46 4.46 -4.30
N LEU A 225 8.43 4.39 -5.21
CA LEU A 225 9.33 3.25 -5.34
C LEU A 225 10.67 3.61 -4.71
N TYR A 226 11.03 2.93 -3.62
CA TYR A 226 12.28 3.22 -2.91
C TYR A 226 13.29 2.10 -3.13
N LEU A 227 14.42 2.43 -3.73
CA LEU A 227 15.39 1.42 -4.15
C LEU A 227 16.80 1.84 -3.74
N PRO A 228 17.78 0.92 -3.86
CA PRO A 228 19.14 1.33 -3.46
C PRO A 228 19.67 2.54 -4.22
N ALA A 229 20.53 3.30 -3.56
CA ALA A 229 21.06 4.53 -4.14
C ALA A 229 21.74 4.33 -5.49
N THR A 230 22.42 3.20 -5.67
CA THR A 230 23.08 2.92 -6.93
C THR A 230 22.07 2.84 -8.07
N VAL A 231 20.96 2.16 -7.80
CA VAL A 231 19.90 1.95 -8.79
C VAL A 231 19.23 3.27 -9.12
N VAL A 232 18.91 4.02 -8.08
CA VAL A 232 18.21 5.29 -8.25
C VAL A 232 19.07 6.33 -8.97
N SER A 233 20.36 6.35 -8.65
CA SER A 233 21.30 7.21 -9.34
C SER A 233 21.37 6.86 -10.82
N ALA A 234 21.39 5.57 -11.12
CA ALA A 234 21.43 5.12 -12.51
C ALA A 234 20.17 5.57 -13.28
N TYR A 235 19.02 5.55 -12.62
CA TYR A 235 17.79 5.99 -13.27
C TYR A 235 17.84 7.49 -13.58
N TRP A 236 18.09 8.30 -12.56
CA TRP A 236 17.97 9.75 -12.74
C TRP A 236 19.12 10.34 -13.58
N ALA A 237 20.21 9.60 -13.74
CA ALA A 237 21.27 10.01 -14.65
C ALA A 237 20.79 10.06 -16.09
N GLN A 238 19.68 9.38 -16.39
CA GLN A 238 19.15 9.38 -17.75
C GLN A 238 18.14 10.50 -18.00
N VAL A 239 17.99 11.38 -17.01
CA VAL A 239 17.07 12.50 -17.12
C VAL A 239 17.85 13.81 -17.02
N SER A 240 17.90 14.55 -18.12
CA SER A 240 18.66 15.80 -18.15
CA SER A 240 18.67 15.78 -18.15
C SER A 240 18.17 16.78 -17.10
N GLY A 241 19.07 17.25 -16.26
CA GLY A 241 18.72 18.23 -15.25
C GLY A 241 18.25 17.65 -13.93
N ALA A 242 18.06 16.33 -13.87
CA ALA A 242 17.63 15.74 -12.60
C ALA A 242 18.75 15.80 -11.59
N LYS A 243 18.38 15.94 -10.32
CA LYS A 243 19.35 16.02 -9.24
C LYS A 243 18.69 15.66 -7.91
N SER A 244 19.50 15.22 -6.96
CA SER A 244 18.98 15.00 -5.61
C SER A 244 19.05 16.30 -4.82
N SER A 245 17.92 16.71 -4.27
CA SER A 245 17.81 17.94 -3.50
C SER A 245 17.56 17.63 -2.03
N SER A 246 18.51 17.98 -1.17
CA SER A 246 18.35 17.79 0.25
C SER A 246 17.23 18.66 0.81
N SER A 247 17.07 19.85 0.25
CA SER A 247 16.04 20.76 0.73
C SER A 247 14.65 20.25 0.40
N VAL A 248 14.51 19.63 -0.77
CA VAL A 248 13.22 19.07 -1.15
C VAL A 248 13.03 17.68 -0.51
N GLY A 249 14.12 16.93 -0.41
CA GLY A 249 14.08 15.64 0.25
C GLY A 249 14.06 14.47 -0.72
N GLY A 250 14.71 14.65 -1.86
CA GLY A 250 14.87 13.58 -2.82
C GLY A 250 15.18 14.10 -4.21
N TYR A 251 15.08 13.20 -5.18
CA TYR A 251 15.33 13.54 -6.56
C TYR A 251 14.20 14.37 -7.14
N VAL A 252 14.59 15.45 -7.81
CA VAL A 252 13.67 16.30 -8.55
C VAL A 252 14.16 16.38 -9.99
N PHE A 253 13.30 16.81 -10.89
CA PHE A 253 13.65 16.87 -12.29
C PHE A 253 12.88 17.99 -12.99
N PRO A 254 13.41 18.52 -14.09
CA PRO A 254 12.67 19.57 -14.79
C PRO A 254 11.32 19.07 -15.28
N CYS A 255 10.27 19.83 -15.03
CA CYS A 255 8.95 19.40 -15.43
C CYS A 255 8.83 19.25 -16.96
N SER A 256 9.77 19.83 -17.70
CA SER A 256 9.75 19.71 -19.16
C SER A 256 10.36 18.38 -19.65
N ALA A 257 10.88 17.58 -18.72
CA ALA A 257 11.55 16.33 -19.10
C ALA A 257 10.57 15.26 -19.57
N THR A 258 11.06 14.37 -20.41
CA THR A 258 10.36 13.13 -20.71
C THR A 258 11.06 12.00 -19.95
N LEU A 259 10.35 11.36 -19.03
CA LEU A 259 10.95 10.33 -18.18
C LEU A 259 11.05 8.99 -18.88
N PRO A 260 12.20 8.32 -18.72
CA PRO A 260 12.32 6.94 -19.20
C PRO A 260 11.54 5.97 -18.33
N SER A 261 11.22 4.83 -18.89
CA SER A 261 10.58 3.78 -18.12
C SER A 261 11.58 3.14 -17.17
N PHE A 262 11.05 2.36 -16.23
CA PHE A 262 11.87 1.59 -15.30
C PHE A 262 11.33 0.17 -15.27
N THR A 263 12.21 -0.79 -15.55
CA THR A 263 11.83 -2.19 -15.55
C THR A 263 12.36 -2.89 -14.29
N PHE A 264 11.53 -3.70 -13.62
CA PHE A 264 12.08 -4.55 -12.56
C PHE A 264 11.80 -6.02 -12.81
N GLY A 265 12.69 -6.88 -12.31
CA GLY A 265 12.59 -8.30 -12.60
C GLY A 265 11.82 -9.04 -11.52
N VAL A 266 11.00 -10.00 -11.98
CA VAL A 266 10.34 -10.94 -11.12
C VAL A 266 10.68 -12.30 -11.67
N GLY A 267 11.62 -12.98 -11.03
CA GLY A 267 12.20 -14.17 -11.61
C GLY A 267 12.70 -13.81 -13.00
N SER A 268 12.34 -14.62 -14.00
CA SER A 268 12.74 -14.36 -15.37
C SER A 268 11.82 -13.35 -16.06
N ALA A 269 10.75 -12.96 -15.39
CA ALA A 269 9.77 -12.05 -15.97
C ALA A 269 10.17 -10.60 -15.72
N ARG A 270 9.52 -9.68 -16.43
CA ARG A 270 9.87 -8.26 -16.36
C ARG A 270 8.59 -7.44 -16.24
N ILE A 271 8.57 -6.49 -15.29
CA ILE A 271 7.47 -5.56 -15.19
C ILE A 271 7.97 -4.18 -15.58
N VAL A 272 7.30 -3.54 -16.54
CA VAL A 272 7.75 -2.24 -17.02
C VAL A 272 6.87 -1.12 -16.46
N ILE A 273 7.49 -0.21 -15.72
CA ILE A 273 6.84 1.01 -15.24
C ILE A 273 7.01 2.14 -16.25
N PRO A 274 5.92 2.58 -16.90
CA PRO A 274 6.06 3.69 -17.86
C PRO A 274 6.62 4.94 -17.21
N GLY A 275 7.37 5.73 -17.97
CA GLY A 275 7.95 6.95 -17.44
C GLY A 275 6.96 7.89 -16.75
N ASP A 276 5.76 8.05 -17.30
CA ASP A 276 4.76 8.96 -16.73
CA ASP A 276 4.88 9.03 -16.67
C ASP A 276 4.37 8.56 -15.29
N TYR A 277 4.52 7.28 -14.97
CA TYR A 277 4.15 6.81 -13.63
C TYR A 277 5.10 7.37 -12.56
N ILE A 278 6.26 7.83 -13.01
CA ILE A 278 7.35 8.24 -12.13
C ILE A 278 7.29 9.78 -11.90
N ASP A 279 6.32 10.45 -12.53
CA ASP A 279 6.17 11.90 -12.40
C ASP A 279 5.17 12.27 -11.31
N PHE A 280 5.64 12.95 -10.25
CA PHE A 280 4.72 13.34 -9.20
C PHE A 280 4.54 14.84 -9.09
N GLY A 281 4.80 15.50 -10.22
CA GLY A 281 4.38 16.87 -10.40
C GLY A 281 5.22 17.91 -9.68
N PRO A 282 4.85 19.18 -9.87
CA PRO A 282 5.61 20.29 -9.29
C PRO A 282 5.78 20.15 -7.78
N ILE A 283 6.98 20.46 -7.29
CA ILE A 283 7.27 20.30 -5.87
C ILE A 283 6.41 21.24 -5.04
N SER A 284 6.07 22.39 -5.63
CA SER A 284 5.13 23.35 -5.05
C SER A 284 4.32 23.93 -6.20
N THR A 285 3.16 24.49 -5.91
CA THR A 285 2.29 24.99 -6.96
C THR A 285 3.02 26.03 -7.81
N GLY A 286 2.97 25.83 -9.13
CA GLY A 286 3.59 26.76 -10.05
C GLY A 286 5.05 26.50 -10.34
N SER A 287 5.66 25.57 -9.62
CA SER A 287 7.08 25.30 -9.82
C SER A 287 7.35 24.52 -11.10
N SER A 288 8.51 24.76 -11.70
CA SER A 288 8.92 23.99 -12.87
C SER A 288 9.84 22.84 -12.48
N SER A 289 10.00 22.63 -11.18
CA SER A 289 10.74 21.48 -10.67
CA SER A 289 10.75 21.48 -10.67
C SER A 289 9.75 20.42 -10.22
N CYS A 290 9.93 19.19 -10.70
CA CYS A 290 8.98 18.13 -10.40
C CYS A 290 9.57 17.07 -9.50
N PHE A 291 8.75 16.43 -8.68
CA PHE A 291 9.23 15.41 -7.76
C PHE A 291 9.23 14.02 -8.39
N GLY A 292 10.33 13.29 -8.21
CA GLY A 292 10.45 11.97 -8.80
C GLY A 292 9.77 10.87 -8.03
N GLY A 293 9.30 9.87 -8.77
CA GLY A 293 8.59 8.74 -8.20
C GLY A 293 9.48 7.58 -7.80
N ILE A 294 10.76 7.67 -8.15
CA ILE A 294 11.76 6.69 -7.73
C ILE A 294 12.75 7.41 -6.83
N GLN A 295 12.91 6.93 -5.60
CA GLN A 295 13.72 7.61 -4.62
C GLN A 295 14.62 6.62 -3.90
N SER A 296 15.69 7.11 -3.28
CA SER A 296 16.61 6.24 -2.57
C SER A 296 16.02 5.70 -1.28
N SER A 297 16.28 4.42 -1.02
CA SER A 297 15.88 3.79 0.22
C SER A 297 16.96 3.91 1.30
N ALA A 298 18.05 4.62 1.02
N ALA A 298 18.06 4.58 0.97
CA ALA A 298 19.19 4.63 1.92
CA ALA A 298 19.12 4.80 1.93
C ALA A 298 18.83 5.04 3.36
C ALA A 298 18.61 5.71 3.02
N GLY A 299 17.89 5.96 3.52
N GLY A 299 18.54 5.18 4.24
CA GLY A 299 17.55 6.46 4.84
CA GLY A 299 17.94 5.91 5.33
C GLY A 299 16.42 5.71 5.55
C GLY A 299 16.71 5.18 5.82
N ILE A 300 15.90 4.68 4.88
CA ILE A 300 14.72 3.95 5.35
CA ILE A 300 14.71 3.91 5.27
C ILE A 300 15.12 2.59 5.93
N GLY A 301 16.13 1.96 5.35
CA GLY A 301 16.61 0.69 5.86
C GLY A 301 16.01 -0.51 5.17
N ILE A 302 15.12 -0.25 4.23
N ILE A 302 15.11 -0.24 4.23
CA ILE A 302 14.47 -1.33 3.48
CA ILE A 302 14.47 -1.31 3.48
C ILE A 302 13.99 -0.81 2.13
C ILE A 302 14.07 -0.78 2.11
N ASN A 303 14.07 -1.66 1.11
CA ASN A 303 13.59 -1.27 -0.22
C ASN A 303 12.09 -1.45 -0.27
N ILE A 304 11.39 -0.52 -0.92
CA ILE A 304 9.93 -0.58 -0.91
C ILE A 304 9.37 -0.48 -2.32
N PHE A 305 8.77 -1.57 -2.79
CA PHE A 305 7.98 -1.55 -4.01
C PHE A 305 6.60 -1.00 -3.70
N GLY A 306 6.49 0.32 -3.73
CA GLY A 306 5.24 1.02 -3.45
C GLY A 306 4.38 1.14 -4.69
N ASP A 307 3.40 2.04 -4.63
CA ASP A 307 2.37 2.11 -5.66
C ASP A 307 2.95 2.36 -7.05
N VAL A 308 3.99 3.17 -7.16
CA VAL A 308 4.62 3.42 -8.46
C VAL A 308 4.97 2.12 -9.18
N ALA A 309 5.47 1.12 -8.44
CA ALA A 309 5.79 -0.17 -9.02
C ALA A 309 4.55 -1.03 -9.14
N LEU A 310 3.79 -1.14 -8.05
CA LEU A 310 2.68 -2.08 -8.02
C LEU A 310 1.58 -1.74 -9.03
N LYS A 311 1.34 -0.47 -9.34
CA LYS A 311 0.26 -0.14 -10.25
CA LYS A 311 0.28 -0.07 -10.26
C LYS A 311 0.61 -0.46 -11.71
N ALA A 312 1.85 -0.84 -11.96
CA ALA A 312 2.27 -1.31 -13.28
C ALA A 312 1.97 -2.79 -13.46
N ALA A 313 1.43 -3.43 -12.42
CA ALA A 313 1.27 -4.88 -12.43
C ALA A 313 -0.05 -5.32 -11.85
N PHE A 314 -0.42 -6.56 -12.15
CA PHE A 314 -1.45 -7.26 -11.42
C PHE A 314 -0.72 -8.08 -10.37
N VAL A 315 -1.03 -7.87 -9.09
CA VAL A 315 -0.22 -8.45 -8.03
C VAL A 315 -1.05 -9.40 -7.17
N VAL A 316 -0.55 -10.63 -7.04
CA VAL A 316 -1.21 -11.64 -6.23
C VAL A 316 -0.51 -11.80 -4.90
N PHE A 317 -1.25 -11.59 -3.82
CA PHE A 317 -0.76 -11.84 -2.48
C PHE A 317 -1.30 -13.20 -2.03
N ASN A 318 -0.47 -14.23 -2.20
CA ASN A 318 -0.87 -15.61 -1.92
C ASN A 318 -0.60 -15.98 -0.47
N GLY A 319 -1.66 -16.14 0.30
CA GLY A 319 -1.55 -16.41 1.73
C GLY A 319 -1.68 -17.88 2.08
N ALA A 320 -1.21 -18.74 1.19
CA ALA A 320 -1.09 -20.17 1.49
C ALA A 320 -0.13 -20.36 2.66
N THR A 321 -0.08 -21.58 3.21
CA THR A 321 0.73 -21.81 4.40
C THR A 321 2.19 -21.40 4.16
N THR A 322 2.67 -21.56 2.94
CA THR A 322 3.90 -20.91 2.49
C THR A 322 3.53 -19.76 1.54
N PRO A 323 3.51 -18.53 2.04
CA PRO A 323 3.07 -17.41 1.19
CA PRO A 323 3.07 -17.41 1.19
C PRO A 323 4.02 -17.14 0.03
N THR A 324 3.45 -16.65 -1.07
CA THR A 324 4.22 -16.24 -2.23
C THR A 324 3.60 -14.97 -2.80
N LEU A 325 4.31 -14.35 -3.73
CA LEU A 325 3.85 -13.14 -4.42
CA LEU A 325 3.85 -13.14 -4.41
C LEU A 325 3.83 -13.40 -5.92
N GLY A 326 2.78 -12.97 -6.59
CA GLY A 326 2.71 -13.12 -8.03
C GLY A 326 2.58 -11.78 -8.74
N PHE A 327 3.29 -11.62 -9.84
CA PHE A 327 3.21 -10.41 -10.66
C PHE A 327 2.88 -10.75 -12.10
N ALA A 328 1.94 -10.02 -12.70
CA ALA A 328 1.68 -10.11 -14.12
C ALA A 328 1.63 -8.70 -14.72
N SER A 329 2.02 -8.57 -15.99
CA SER A 329 1.76 -7.34 -16.71
C SER A 329 0.28 -7.20 -16.96
N LYS A 330 -0.17 -6.00 -17.30
CA LYS A 330 -1.58 -5.80 -17.57
C LYS A 330 -1.82 -4.71 -18.63
C1 GOL B . 1.68 -0.42 -17.80
O1 GOL B . 1.48 -0.40 -19.19
C2 GOL B . 2.49 -1.66 -17.45
O2 GOL B . 3.59 -1.78 -18.33
C3 GOL B . 1.60 -2.88 -17.62
O3 GOL B . 2.26 -3.99 -17.07
C1 GOL C . -14.27 8.49 -12.76
O1 GOL C . -14.65 9.82 -12.98
C2 GOL C . -14.52 8.12 -11.30
O2 GOL C . -14.84 6.75 -11.20
C3 GOL C . -13.26 8.39 -10.49
O3 GOL C . -13.44 7.91 -9.17
C1 GOL D . 20.43 0.58 -17.61
O1 GOL D . 19.42 -0.28 -18.09
C2 GOL D . 20.75 0.25 -16.16
O2 GOL D . 21.79 1.08 -15.70
C3 GOL D . 21.15 -1.22 -16.02
O3 GOL D . 22.25 -1.53 -16.84
S DMS E . 3.92 17.91 -14.83
O DMS E . 3.62 17.11 -13.59
C1 DMS E . 4.26 19.64 -14.41
C2 DMS E . 5.50 17.41 -15.54
S DMS F . 8.18 5.47 3.14
O DMS F . 7.25 6.59 2.77
C1 DMS F . 9.40 6.07 4.34
C2 DMS F . 7.28 4.28 4.18
S DMS G . 4.07 -0.82 10.85
O DMS G . 4.65 -0.53 12.20
C1 DMS G . 4.33 0.60 9.76
C2 DMS G . 5.09 -2.06 10.00
O3 D5Y H . 3.94 7.00 1.18
C4 D5Y H . 1.46 6.71 3.67
C5 D5Y H . 2.17 6.28 4.72
C6 D5Y H . 3.59 6.09 4.62
N1 D5Y H . 4.10 6.38 3.37
C7 D5Y H . 3.39 6.80 2.26
N2 D5Y H . 2.25 9.61 1.02
BR D5Y H . 1.32 5.89 6.36
O2 D5Y H . 4.35 5.71 5.53
N D5Y H . 2.05 6.96 2.45
C3 D5Y H . 1.24 7.34 1.27
C2 D5Y H . 0.97 8.87 1.16
C1 D5Y H . 0.24 9.40 2.37
O1 D5Y H . 0.57 10.38 2.98
O D5Y H . -0.81 8.64 2.67
C D5Y H . -1.52 8.99 3.87
#